data_7GEP
#
_entry.id   7GEP
#
_cell.length_a   69.800
_cell.length_b   77.400
_cell.length_c   87.800
_cell.angle_alpha   90.00
_cell.angle_beta   90.00
_cell.angle_gamma   90.00
#
_symmetry.space_group_name_H-M   'P 21 21 21'
#
loop_
_entity.id
_entity.type
_entity.pdbx_description
1 polymer 'SULFITE REDUCTASE HEMOPROTEIN'
2 non-polymer 'SODIUM ION'
3 non-polymer 'IRON/SULFUR CLUSTER'
4 non-polymer SIROHEME
5 non-polymer 'SULFUR OXIDE'
6 water water
#
_entity_poly.entity_id   1
_entity_poly.type   'polypeptide(L)'
_entity_poly.pdbx_seq_one_letter_code
;LEPRHAMLLRCRLPGGVITTKQWQAIDKFAGENTIYGSIRLTNRQTFQFHGILKKNVKPVHQMLHSVGLDALATANDMNR
NVLCTSNPYESQLHAEAYEWAKKISEHLLPRTRAYAEIWLDQEKVATTDEEPILGQTYLPRKFKTTVVIPPQNDIDLHAN
DMNFVAIAENGKLVGFNLLVGGGLSIEHGNKKTYARTASEFGYLPLEHTLAVAEAVVTTQRDWGNRTDRKNAKTKYTLER
VGVETFKAEVERRAGIKFEPIRPYEFTGRGDRIGWVKGIDDNWHLTLFIENGRILDYPARPLKTGLLEIAKIHKGDFRIT
ANQNLIIAGVPESEKAKIEKIAKESGLMNAVTPQRENSMACVSFPTCPLAMAEAERFLPSFIDNIDNLMAKHGVSDEHIV
MRVTGCPNGCGRAMLAEVGLVGKAPGRYNLHLGGNRIGTRIPRMYKENITEPEILASLDELIGRWAKEREAGEGFGDFTV
RAGIIRPVLDPARDLWD
;
_entity_poly.pdbx_strand_id   A
#
loop_
_chem_comp.id
_chem_comp.type
_chem_comp.name
_chem_comp.formula
NA non-polymer 'SODIUM ION' 'Na 1'
SF4 non-polymer 'IRON/SULFUR CLUSTER' 'Fe4 S4'
SRM non-polymer SIROHEME 'C42 H44 Fe N4 O16'
SX non-polymer 'SULFUR OXIDE' 'O S'
#
# COMPACT_ATOMS: atom_id res chain seq x y z
N LEU A 8 -10.72 -11.31 -12.85
CA LEU A 8 -9.90 -10.22 -12.32
C LEU A 8 -8.75 -9.83 -13.25
N LEU A 9 -8.60 -8.53 -13.47
CA LEU A 9 -7.52 -8.01 -14.29
C LEU A 9 -6.92 -6.83 -13.57
N ARG A 10 -5.60 -6.79 -13.52
CA ARG A 10 -4.86 -5.73 -12.85
C ARG A 10 -3.82 -5.21 -13.82
N CYS A 11 -3.57 -3.92 -13.74
CA CYS A 11 -2.63 -3.25 -14.62
C CYS A 11 -1.27 -2.95 -13.97
N ARG A 12 -0.23 -2.84 -14.80
CA ARG A 12 1.10 -2.49 -14.35
C ARG A 12 1.03 -0.96 -14.49
N LEU A 13 1.07 -0.25 -13.38
CA LEU A 13 0.97 1.20 -13.39
C LEU A 13 1.97 1.77 -12.40
N PRO A 14 3.24 1.87 -12.82
CA PRO A 14 4.32 2.39 -11.96
C PRO A 14 3.95 3.66 -11.25
N GLY A 15 4.21 3.71 -9.94
CA GLY A 15 3.90 4.89 -9.17
C GLY A 15 2.46 5.34 -9.23
N GLY A 16 1.59 4.50 -9.77
CA GLY A 16 0.18 4.83 -9.84
C GLY A 16 -0.23 5.99 -10.72
N VAL A 17 0.67 6.48 -11.56
CA VAL A 17 0.33 7.61 -12.44
C VAL A 17 -0.39 7.11 -13.70
N ILE A 18 -1.59 7.64 -13.92
CA ILE A 18 -2.41 7.26 -15.06
C ILE A 18 -2.98 8.54 -15.66
N THR A 19 -3.01 8.60 -16.99
CA THR A 19 -3.52 9.78 -17.66
C THR A 19 -5.02 9.76 -17.76
N THR A 20 -5.56 10.93 -18.03
CA THR A 20 -7.00 11.09 -18.16
C THR A 20 -7.55 10.28 -19.36
N LYS A 21 -6.73 10.18 -20.40
CA LYS A 21 -7.08 9.45 -21.61
C LYS A 21 -7.12 7.96 -21.30
N GLN A 22 -6.11 7.47 -20.58
CA GLN A 22 -6.10 6.08 -20.20
C GLN A 22 -7.24 5.82 -19.24
N TRP A 23 -7.52 6.79 -18.37
CA TRP A 23 -8.60 6.66 -17.40
C TRP A 23 -9.92 6.47 -18.13
N GLN A 24 -10.18 7.32 -19.12
CA GLN A 24 -11.42 7.23 -19.87
C GLN A 24 -11.56 5.87 -20.51
N ALA A 25 -10.44 5.27 -20.89
CA ALA A 25 -10.49 3.96 -21.49
C ALA A 25 -10.87 2.90 -20.44
N ILE A 26 -10.33 3.01 -19.23
CA ILE A 26 -10.67 2.02 -18.21
C ILE A 26 -12.09 2.14 -17.69
N ASP A 27 -12.60 3.37 -17.61
CA ASP A 27 -13.96 3.62 -17.14
C ASP A 27 -14.97 2.97 -18.09
N LYS A 28 -14.67 3.06 -19.38
CA LYS A 28 -15.53 2.47 -20.40
C LYS A 28 -15.56 0.95 -20.31
N PHE A 29 -14.40 0.31 -20.35
CA PHE A 29 -14.34 -1.14 -20.29
C PHE A 29 -14.99 -1.67 -19.03
N ALA A 30 -14.60 -1.12 -17.89
CA ALA A 30 -15.16 -1.55 -16.62
C ALA A 30 -16.67 -1.45 -16.64
N GLY A 31 -17.18 -0.40 -17.26
CA GLY A 31 -18.61 -0.21 -17.32
C GLY A 31 -19.35 -1.16 -18.24
N GLU A 32 -18.77 -1.45 -19.38
CA GLU A 32 -19.42 -2.32 -20.36
C GLU A 32 -19.04 -3.80 -20.26
N ASN A 33 -17.75 -4.04 -20.14
CA ASN A 33 -17.23 -5.41 -20.15
C ASN A 33 -16.99 -6.20 -18.89
N THR A 34 -17.47 -5.74 -17.74
CA THR A 34 -17.28 -6.48 -16.50
C THR A 34 -18.61 -6.67 -15.77
N ILE A 35 -18.73 -7.81 -15.10
CA ILE A 35 -19.91 -8.18 -14.33
C ILE A 35 -20.22 -7.12 -13.28
N TYR A 36 -19.19 -6.73 -12.54
CA TYR A 36 -19.34 -5.75 -11.46
C TYR A 36 -19.44 -4.30 -11.90
N GLY A 37 -18.83 -4.00 -13.04
CA GLY A 37 -18.85 -2.67 -13.61
C GLY A 37 -18.20 -1.58 -12.79
N SER A 38 -17.22 -1.95 -11.96
CA SER A 38 -16.56 -0.99 -11.11
C SER A 38 -15.08 -0.95 -11.39
N ILE A 39 -14.44 0.09 -10.89
CA ILE A 39 -12.99 0.23 -10.99
C ILE A 39 -12.55 0.11 -9.55
N ARG A 40 -11.62 -0.79 -9.26
CA ARG A 40 -11.14 -0.96 -7.89
C ARG A 40 -9.68 -0.55 -7.78
N LEU A 41 -9.43 0.55 -7.08
CA LEU A 41 -8.07 1.06 -6.89
C LEU A 41 -7.48 0.15 -5.84
N THR A 42 -6.26 -0.34 -6.05
CA THR A 42 -5.66 -1.21 -5.07
C THR A 42 -4.68 -0.47 -4.16
N ASN A 43 -4.23 -1.11 -3.09
CA ASN A 43 -3.29 -0.44 -2.21
C ASN A 43 -1.85 -0.52 -2.70
N ARG A 44 -1.68 -1.00 -3.93
CA ARG A 44 -0.37 -1.08 -4.57
C ARG A 44 -0.32 -0.11 -5.77
N GLN A 45 -1.18 0.91 -5.72
CA GLN A 45 -1.23 1.96 -6.74
C GLN A 45 -1.61 1.56 -8.16
N THR A 46 -2.59 0.70 -8.29
CA THR A 46 -3.06 0.31 -9.61
C THR A 46 -4.55 0.00 -9.56
N PHE A 47 -5.10 -0.46 -10.67
CA PHE A 47 -6.52 -0.78 -10.71
C PHE A 47 -6.79 -2.22 -11.06
N GLN A 48 -8.01 -2.63 -10.76
CA GLN A 48 -8.48 -3.96 -11.02
C GLN A 48 -9.88 -3.91 -11.60
N PHE A 49 -10.21 -4.94 -12.38
CA PHE A 49 -11.54 -5.10 -12.96
C PHE A 49 -11.96 -6.38 -12.28
N HIS A 50 -13.26 -6.54 -12.04
CA HIS A 50 -13.79 -7.75 -11.41
C HIS A 50 -14.91 -8.31 -12.26
N GLY A 51 -14.78 -9.58 -12.63
CA GLY A 51 -15.80 -10.24 -13.43
C GLY A 51 -15.70 -9.97 -14.92
N ILE A 52 -14.55 -10.22 -15.52
CA ILE A 52 -14.40 -10.00 -16.94
C ILE A 52 -14.89 -11.26 -17.63
N LEU A 53 -15.83 -11.11 -18.55
CA LEU A 53 -16.36 -12.26 -19.29
C LEU A 53 -15.26 -12.74 -20.27
N LYS A 54 -15.05 -14.07 -20.32
CA LYS A 54 -14.03 -14.68 -21.18
C LYS A 54 -13.95 -14.21 -22.64
N LYS A 55 -15.04 -13.62 -23.13
CA LYS A 55 -15.08 -13.09 -24.50
C LYS A 55 -14.29 -11.78 -24.52
N ASN A 56 -14.39 -11.05 -23.41
CA ASN A 56 -13.71 -9.77 -23.25
C ASN A 56 -12.24 -9.84 -22.79
N VAL A 57 -11.69 -11.04 -22.60
CA VAL A 57 -10.30 -11.21 -22.19
C VAL A 57 -9.34 -10.75 -23.30
N LYS A 58 -9.81 -10.80 -24.54
CA LYS A 58 -8.97 -10.33 -25.64
C LYS A 58 -9.14 -8.81 -25.76
N PRO A 59 -10.38 -8.33 -25.92
CA PRO A 59 -10.52 -6.87 -26.03
C PRO A 59 -9.97 -6.08 -24.85
N VAL A 60 -9.80 -6.72 -23.69
CA VAL A 60 -9.26 -6.01 -22.54
C VAL A 60 -7.77 -5.72 -22.74
N HIS A 61 -7.01 -6.71 -23.20
CA HIS A 61 -5.59 -6.50 -23.41
C HIS A 61 -5.39 -5.49 -24.54
N GLN A 62 -6.22 -5.57 -25.58
CA GLN A 62 -6.13 -4.65 -26.70
C GLN A 62 -6.40 -3.23 -26.22
N MET A 63 -7.46 -3.10 -25.42
CA MET A 63 -7.86 -1.82 -24.85
C MET A 63 -6.75 -1.24 -23.97
N LEU A 64 -6.11 -2.08 -23.18
CA LEU A 64 -5.05 -1.60 -22.34
C LEU A 64 -3.93 -1.11 -23.26
N HIS A 65 -3.59 -1.92 -24.26
CA HIS A 65 -2.51 -1.57 -25.17
C HIS A 65 -2.74 -0.35 -26.04
N SER A 66 -3.96 -0.18 -26.54
CA SER A 66 -4.26 0.95 -27.38
C SER A 66 -3.99 2.28 -26.65
N VAL A 67 -4.10 2.26 -25.33
CA VAL A 67 -3.83 3.45 -24.52
C VAL A 67 -2.44 3.41 -23.86
N GLY A 68 -1.59 2.50 -24.32
CA GLY A 68 -0.23 2.37 -23.79
C GLY A 68 -0.09 1.77 -22.41
N LEU A 69 -0.97 0.83 -22.08
CA LEU A 69 -0.99 0.16 -20.78
C LEU A 69 -0.71 -1.33 -20.97
N ASP A 70 -0.44 -2.04 -19.90
CA ASP A 70 -0.20 -3.48 -19.97
C ASP A 70 -0.41 -4.08 -18.60
N ALA A 71 -0.62 -5.38 -18.55
CA ALA A 71 -0.88 -6.08 -17.29
C ALA A 71 0.28 -7.02 -16.93
N LEU A 72 1.44 -6.79 -17.54
CA LEU A 72 2.62 -7.65 -17.34
C LEU A 72 3.21 -7.67 -15.91
N ASN A 76 1.48 -13.37 -11.09
CA ASN A 76 2.73 -14.09 -11.38
C ASN A 76 3.86 -13.99 -10.32
N ASP A 77 4.75 -14.99 -10.29
CA ASP A 77 5.91 -15.01 -9.38
C ASP A 77 6.97 -14.02 -9.93
N MET A 78 6.50 -12.84 -10.31
CA MET A 78 7.37 -11.80 -10.83
C MET A 78 7.38 -10.62 -9.92
N ASN A 79 7.94 -9.54 -10.46
CA ASN A 79 8.02 -8.26 -9.78
C ASN A 79 6.63 -7.63 -9.97
N ARG A 80 6.04 -7.21 -8.85
CA ARG A 80 4.71 -6.59 -8.80
C ARG A 80 4.79 -5.08 -9.00
N ASN A 81 3.66 -4.39 -9.03
CA ASN A 81 3.65 -2.95 -9.23
C ASN A 81 4.65 -2.21 -8.32
N VAL A 82 5.61 -1.52 -8.93
CA VAL A 82 6.60 -0.74 -8.18
C VAL A 82 5.90 0.52 -7.70
N LEU A 83 5.84 0.68 -6.38
CA LEU A 83 5.20 1.84 -5.76
C LEU A 83 6.11 3.08 -5.65
N CYS A 84 5.50 4.26 -5.53
CA CYS A 84 6.25 5.51 -5.38
C CYS A 84 5.35 6.53 -4.67
N THR A 85 5.90 7.16 -3.63
CA THR A 85 5.20 8.18 -2.87
C THR A 85 4.41 9.12 -3.80
N SER A 86 3.09 9.15 -3.61
CA SER A 86 2.20 9.92 -4.48
C SER A 86 2.07 11.43 -4.38
N ASN A 87 2.34 11.99 -3.22
CA ASN A 87 2.11 13.41 -3.02
C ASN A 87 3.12 13.93 -1.99
N PRO A 88 4.39 14.05 -2.38
CA PRO A 88 5.37 14.54 -1.41
C PRO A 88 5.20 15.99 -1.00
N TYR A 89 5.57 16.25 0.25
CA TYR A 89 5.51 17.59 0.82
C TYR A 89 6.31 18.54 -0.04
N GLU A 90 7.50 18.09 -0.44
CA GLU A 90 8.31 18.89 -1.37
C GLU A 90 7.94 18.35 -2.74
N SER A 91 6.84 18.90 -3.25
CA SER A 91 6.27 18.52 -4.52
C SER A 91 7.21 18.31 -5.68
N GLN A 92 8.30 19.06 -5.74
CA GLN A 92 9.21 18.92 -6.86
C GLN A 92 9.90 17.56 -6.92
N LEU A 93 10.08 16.93 -5.77
CA LEU A 93 10.77 15.64 -5.71
C LEU A 93 10.05 14.50 -6.39
N HIS A 94 8.75 14.63 -6.61
CA HIS A 94 8.00 13.54 -7.22
C HIS A 94 8.46 13.08 -8.60
N ALA A 95 8.75 14.01 -9.50
CA ALA A 95 9.17 13.71 -10.88
C ALA A 95 10.34 12.77 -11.07
N GLU A 96 11.43 12.99 -10.35
CA GLU A 96 12.57 12.12 -10.50
C GLU A 96 12.41 10.83 -9.70
N ALA A 97 11.57 10.88 -8.67
CA ALA A 97 11.30 9.69 -7.88
C ALA A 97 10.42 8.80 -8.76
N TYR A 98 9.40 9.40 -9.35
CA TYR A 98 8.49 8.70 -10.23
C TYR A 98 9.25 8.17 -11.44
N GLU A 99 10.18 8.94 -11.97
CA GLU A 99 10.97 8.48 -13.12
C GLU A 99 11.83 7.28 -12.71
N TRP A 100 12.28 7.25 -11.46
CA TRP A 100 13.06 6.13 -11.00
C TRP A 100 12.24 4.87 -10.74
N ALA A 101 11.02 5.04 -10.22
CA ALA A 101 10.14 3.89 -9.96
C ALA A 101 9.82 3.24 -11.30
N LYS A 102 9.60 4.07 -12.30
CA LYS A 102 9.27 3.65 -13.66
C LYS A 102 10.48 2.89 -14.28
N LYS A 103 11.70 3.37 -14.02
CA LYS A 103 12.90 2.70 -14.54
C LYS A 103 13.11 1.35 -13.87
N ILE A 104 12.98 1.30 -12.54
CA ILE A 104 13.15 0.06 -11.78
C ILE A 104 12.12 -0.97 -12.28
N SER A 105 10.90 -0.50 -12.48
CA SER A 105 9.82 -1.34 -12.97
C SER A 105 10.21 -1.96 -14.30
N GLU A 106 10.66 -1.14 -15.24
CA GLU A 106 11.04 -1.64 -16.55
C GLU A 106 12.30 -2.48 -16.55
N HIS A 107 13.25 -2.12 -15.71
CA HIS A 107 14.49 -2.88 -15.61
C HIS A 107 14.23 -4.27 -15.01
N LEU A 108 13.18 -4.39 -14.20
CA LEU A 108 12.88 -5.67 -13.58
C LEU A 108 11.92 -6.56 -14.36
N LEU A 109 11.44 -6.06 -15.50
CA LEU A 109 10.51 -6.80 -16.33
C LEU A 109 11.17 -7.99 -17.03
N PRO A 110 10.41 -9.09 -17.24
CA PRO A 110 10.92 -10.31 -17.90
C PRO A 110 11.19 -10.08 -19.39
N ARG A 111 12.36 -10.51 -19.85
CA ARG A 111 12.75 -10.33 -21.24
C ARG A 111 12.03 -11.23 -22.26
N THR A 112 10.97 -11.91 -21.82
CA THR A 112 10.23 -12.80 -22.70
C THR A 112 9.26 -12.02 -23.59
N GLU A 131 15.89 -13.97 -19.56
CA GLU A 131 15.66 -13.69 -18.14
C GLU A 131 16.96 -13.66 -17.33
N PRO A 132 17.88 -12.73 -17.67
CA PRO A 132 19.18 -12.57 -17.00
C PRO A 132 19.01 -12.14 -15.54
N ILE A 133 17.88 -11.49 -15.26
CA ILE A 133 17.53 -10.99 -13.94
C ILE A 133 16.53 -11.94 -13.26
N LEU A 134 15.41 -12.20 -13.92
CA LEU A 134 14.37 -13.07 -13.38
C LEU A 134 14.74 -14.55 -13.32
N GLY A 135 15.53 -15.00 -14.28
CA GLY A 135 15.91 -16.39 -14.32
C GLY A 135 14.87 -17.18 -15.09
N GLN A 136 15.26 -18.34 -15.60
CA GLN A 136 14.36 -19.19 -16.38
C GLN A 136 13.20 -19.74 -15.55
N THR A 137 13.51 -20.13 -14.31
CA THR A 137 12.52 -20.65 -13.38
C THR A 137 11.85 -19.43 -12.69
N TYR A 138 12.27 -18.24 -13.11
CA TYR A 138 11.77 -16.97 -12.58
C TYR A 138 12.07 -16.76 -11.11
N LEU A 139 11.09 -16.36 -10.33
CA LEU A 139 11.32 -16.15 -8.91
C LEU A 139 10.56 -17.14 -8.03
N PRO A 140 11.11 -17.44 -6.83
CA PRO A 140 10.45 -18.37 -5.91
C PRO A 140 9.03 -17.86 -5.56
N ARG A 141 8.92 -16.55 -5.39
CA ARG A 141 7.66 -15.91 -5.01
C ARG A 141 7.60 -14.52 -5.64
N LYS A 142 6.48 -13.82 -5.44
CA LYS A 142 6.30 -12.47 -5.98
C LYS A 142 7.28 -11.52 -5.28
N PHE A 143 7.80 -10.56 -6.02
CA PHE A 143 8.78 -9.62 -5.52
C PHE A 143 8.16 -8.24 -5.58
N LYS A 144 8.16 -7.52 -4.47
CA LYS A 144 7.55 -6.20 -4.38
C LYS A 144 8.58 -5.09 -4.08
N THR A 145 8.49 -4.00 -4.84
CA THR A 145 9.44 -2.90 -4.72
C THR A 145 8.74 -1.55 -4.59
N THR A 146 9.43 -0.58 -3.96
CA THR A 146 8.91 0.79 -3.80
C THR A 146 10.00 1.88 -3.81
N VAL A 147 9.57 3.11 -4.10
CA VAL A 147 10.43 4.29 -4.06
C VAL A 147 9.70 5.15 -3.03
N VAL A 148 10.38 5.49 -1.94
CA VAL A 148 9.80 6.25 -0.86
C VAL A 148 10.44 7.62 -0.79
N ILE A 149 9.63 8.65 -0.56
CA ILE A 149 10.11 10.01 -0.41
C ILE A 149 9.74 10.41 1.02
N PRO A 150 10.71 10.36 1.97
CA PRO A 150 10.39 10.73 3.35
C PRO A 150 9.92 12.18 3.36
N PRO A 151 9.17 12.58 4.39
CA PRO A 151 8.80 11.83 5.59
C PRO A 151 7.56 10.95 5.40
N GLN A 152 7.13 10.74 4.16
CA GLN A 152 5.95 9.93 3.95
C GLN A 152 6.27 8.46 3.71
N ASN A 153 5.48 7.57 4.32
CA ASN A 153 5.62 6.13 4.18
C ASN A 153 4.25 5.59 3.76
N ASP A 154 3.56 6.38 2.94
CA ASP A 154 2.26 6.00 2.46
C ASP A 154 2.29 4.70 1.65
N ILE A 155 3.44 4.38 1.07
CA ILE A 155 3.56 3.17 0.29
C ILE A 155 3.76 1.94 1.17
N ASP A 156 3.86 2.15 2.48
CA ASP A 156 4.06 1.06 3.46
C ASP A 156 5.21 0.16 3.11
N LEU A 157 6.41 0.75 3.09
CA LEU A 157 7.63 0.05 2.71
C LEU A 157 7.92 -1.29 3.39
N HIS A 158 7.52 -1.45 4.65
CA HIS A 158 7.81 -2.70 5.35
C HIS A 158 7.01 -3.91 4.89
N ALA A 159 6.14 -3.70 3.92
CA ALA A 159 5.35 -4.77 3.34
C ALA A 159 6.05 -5.28 2.07
N ASN A 160 7.15 -4.63 1.69
CA ASN A 160 7.90 -4.95 0.47
C ASN A 160 9.32 -5.53 0.55
N ASP A 161 9.68 -6.33 -0.45
CA ASP A 161 11.01 -6.94 -0.54
C ASP A 161 12.16 -5.98 -0.72
N MET A 162 12.00 -5.06 -1.68
CA MET A 162 13.05 -4.11 -1.98
C MET A 162 12.52 -2.69 -1.93
N ASN A 163 13.19 -1.84 -1.17
CA ASN A 163 12.76 -0.44 -1.00
C ASN A 163 13.86 0.55 -1.20
N PHE A 164 13.55 1.58 -1.98
CA PHE A 164 14.47 2.63 -2.30
C PHE A 164 14.02 3.88 -1.64
N VAL A 165 14.65 4.27 -0.53
CA VAL A 165 14.28 5.48 0.19
C VAL A 165 15.10 6.66 -0.37
N ALA A 166 14.41 7.54 -1.08
CA ALA A 166 15.02 8.70 -1.71
C ALA A 166 15.70 9.72 -0.79
N ILE A 167 16.97 9.98 -1.06
CA ILE A 167 17.73 10.96 -0.28
C ILE A 167 17.90 12.16 -1.22
N ALA A 168 17.44 13.32 -0.79
CA ALA A 168 17.53 14.52 -1.60
C ALA A 168 18.43 15.56 -0.95
N GLU A 169 18.93 16.46 -1.78
CA GLU A 169 19.80 17.56 -1.37
C GLU A 169 19.56 18.67 -2.39
N ASN A 170 19.26 19.86 -1.90
CA ASN A 170 19.01 21.02 -2.77
C ASN A 170 17.94 20.76 -3.83
N GLY A 171 16.92 19.97 -3.47
CA GLY A 171 15.84 19.70 -4.39
C GLY A 171 16.10 18.66 -5.46
N LYS A 172 17.29 18.10 -5.47
CA LYS A 172 17.62 17.06 -6.44
C LYS A 172 17.88 15.80 -5.63
N LEU A 173 17.50 14.67 -6.21
CA LEU A 173 17.71 13.38 -5.57
C LEU A 173 19.20 13.07 -5.77
N VAL A 174 19.84 12.45 -4.79
CA VAL A 174 21.25 12.14 -4.92
C VAL A 174 21.54 10.66 -4.76
N GLY A 175 20.62 9.95 -4.15
CA GLY A 175 20.80 8.52 -3.96
C GLY A 175 19.62 7.91 -3.23
N PHE A 176 19.79 6.66 -2.82
CA PHE A 176 18.74 5.92 -2.13
C PHE A 176 19.30 5.09 -0.98
N ASN A 177 18.53 4.99 0.10
CA ASN A 177 18.90 4.13 1.23
C ASN A 177 18.15 2.86 0.82
N LEU A 178 18.78 1.69 0.95
CA LEU A 178 18.11 0.46 0.56
C LEU A 178 17.65 -0.37 1.74
N LEU A 179 16.36 -0.66 1.79
CA LEU A 179 15.80 -1.52 2.82
C LEU A 179 15.26 -2.74 2.09
N VAL A 180 15.68 -3.92 2.54
CA VAL A 180 15.29 -5.19 1.93
C VAL A 180 14.67 -6.19 2.92
N GLY A 181 13.72 -6.97 2.42
CA GLY A 181 13.12 -8.00 3.25
C GLY A 181 11.77 -7.84 3.87
N GLY A 182 10.95 -6.92 3.40
CA GLY A 182 9.65 -6.77 4.00
C GLY A 182 8.70 -7.81 3.46
N GLY A 183 7.67 -8.15 4.23
CA GLY A 183 6.70 -9.12 3.77
C GLY A 183 5.71 -9.26 4.88
N LEU A 184 4.42 -9.41 4.59
CA LEU A 184 3.40 -9.50 5.65
C LEU A 184 2.63 -10.81 5.80
N SER A 185 2.62 -11.60 4.75
CA SER A 185 1.89 -12.85 4.74
C SER A 185 2.28 -13.86 5.83
N ILE A 186 1.27 -14.41 6.47
CA ILE A 186 1.50 -15.41 7.50
C ILE A 186 0.51 -16.51 7.18
N GLU A 187 0.51 -17.56 7.98
CA GLU A 187 -0.39 -18.67 7.79
C GLU A 187 -0.89 -18.96 9.19
N HIS A 188 -2.20 -19.03 9.38
CA HIS A 188 -2.75 -19.26 10.72
C HIS A 188 -2.15 -20.47 11.44
N GLY A 189 -1.70 -20.22 12.66
CA GLY A 189 -1.11 -21.28 13.47
C GLY A 189 0.21 -21.84 13.01
N ASN A 190 0.78 -21.28 11.96
CA ASN A 190 2.06 -21.74 11.44
C ASN A 190 3.18 -20.83 11.90
N LYS A 191 3.84 -21.19 13.00
CA LYS A 191 4.91 -20.36 13.55
C LYS A 191 6.14 -20.26 12.65
N LYS A 192 6.13 -21.03 11.57
CA LYS A 192 7.22 -21.02 10.60
C LYS A 192 7.06 -19.85 9.64
N THR A 193 5.88 -19.25 9.63
CA THR A 193 5.64 -18.12 8.76
C THR A 193 5.59 -16.90 9.65
N TYR A 194 5.88 -15.72 9.11
CA TYR A 194 5.81 -14.50 9.90
C TYR A 194 5.88 -13.30 9.01
N ALA A 195 5.49 -12.16 9.56
CA ALA A 195 5.54 -10.91 8.86
C ALA A 195 6.86 -10.36 9.32
N ARG A 196 7.57 -9.64 8.46
CA ARG A 196 8.85 -9.09 8.83
C ARG A 196 8.94 -7.72 8.22
N THR A 197 9.61 -6.81 8.90
CA THR A 197 9.83 -5.45 8.41
C THR A 197 11.12 -5.44 7.56
N ALA A 198 11.36 -4.42 6.74
CA ALA A 198 12.55 -4.40 5.91
C ALA A 198 13.82 -4.01 6.68
N SER A 199 14.94 -4.65 6.35
CA SER A 199 16.23 -4.33 6.99
C SER A 199 17.04 -3.29 6.20
N GLU A 200 17.77 -2.44 6.90
CA GLU A 200 18.61 -1.45 6.25
C GLU A 200 19.91 -2.05 5.76
N PHE A 201 20.21 -1.86 4.47
CA PHE A 201 21.45 -2.36 3.86
C PHE A 201 22.49 -1.25 3.76
N GLY A 202 22.07 -0.05 3.38
CA GLY A 202 23.01 1.03 3.26
C GLY A 202 22.59 2.06 2.24
N TYR A 203 23.44 3.04 2.00
CA TYR A 203 23.17 4.09 1.05
C TYR A 203 23.87 3.85 -0.31
N LEU A 204 23.14 4.02 -1.41
CA LEU A 204 23.74 3.83 -2.72
C LEU A 204 23.52 5.05 -3.63
N PRO A 205 24.60 5.57 -4.24
CA PRO A 205 24.50 6.73 -5.13
C PRO A 205 23.48 6.40 -6.19
N LEU A 206 22.83 7.43 -6.70
CA LEU A 206 21.79 7.26 -7.70
C LEU A 206 22.18 6.40 -8.90
N GLU A 207 23.44 6.42 -9.29
CA GLU A 207 23.85 5.65 -10.47
C GLU A 207 23.87 4.15 -10.28
N HIS A 208 24.00 3.70 -9.05
CA HIS A 208 24.06 2.28 -8.79
C HIS A 208 22.72 1.62 -8.64
N THR A 209 21.65 2.40 -8.76
CA THR A 209 20.29 1.91 -8.59
C THR A 209 19.92 0.63 -9.32
N LEU A 210 19.95 0.65 -10.64
CA LEU A 210 19.58 -0.52 -11.41
C LEU A 210 20.46 -1.72 -11.13
N ALA A 211 21.74 -1.47 -10.86
CA ALA A 211 22.68 -2.54 -10.57
C ALA A 211 22.29 -3.22 -9.25
N VAL A 212 21.99 -2.39 -8.25
CA VAL A 212 21.61 -2.88 -6.94
C VAL A 212 20.28 -3.61 -7.03
N ALA A 213 19.32 -3.00 -7.73
CA ALA A 213 18.01 -3.59 -7.90
C ALA A 213 18.17 -4.98 -8.49
N GLU A 214 18.96 -5.06 -9.55
CA GLU A 214 19.22 -6.31 -10.24
C GLU A 214 19.89 -7.32 -9.32
N ALA A 215 20.87 -6.87 -8.53
CA ALA A 215 21.58 -7.75 -7.61
C ALA A 215 20.68 -8.37 -6.53
N VAL A 216 19.78 -7.57 -5.96
CA VAL A 216 18.87 -8.07 -4.92
C VAL A 216 17.94 -9.13 -5.48
N VAL A 217 17.41 -8.88 -6.68
CA VAL A 217 16.51 -9.82 -7.32
C VAL A 217 17.21 -11.13 -7.63
N THR A 218 18.41 -11.07 -8.20
CA THR A 218 19.13 -12.29 -8.54
C THR A 218 19.62 -13.12 -7.35
N THR A 219 20.06 -12.49 -6.25
CA THR A 219 20.53 -13.29 -5.13
C THR A 219 19.33 -13.93 -4.46
N GLN A 220 18.19 -13.26 -4.51
CA GLN A 220 16.98 -13.80 -3.93
C GLN A 220 16.54 -14.95 -4.81
N ARG A 221 16.71 -14.75 -6.11
CA ARG A 221 16.35 -15.77 -7.10
C ARG A 221 17.17 -17.04 -6.82
N ASP A 222 18.48 -16.86 -6.62
CA ASP A 222 19.39 -17.99 -6.35
C ASP A 222 19.30 -18.62 -4.95
N TRP A 223 19.31 -17.77 -3.94
CA TRP A 223 19.28 -18.19 -2.56
C TRP A 223 17.89 -18.56 -2.04
N GLY A 224 16.88 -17.91 -2.60
CA GLY A 224 15.51 -18.14 -2.20
C GLY A 224 15.10 -19.59 -2.34
N ASN A 225 14.63 -20.14 -1.22
CA ASN A 225 14.16 -21.53 -1.12
C ASN A 225 12.99 -21.71 -2.10
N ARG A 226 13.19 -22.53 -3.13
CA ARG A 226 12.15 -22.78 -4.12
C ARG A 226 11.27 -24.00 -3.84
N THR A 227 11.81 -24.98 -3.13
CA THR A 227 11.06 -26.17 -2.77
C THR A 227 9.76 -25.76 -2.04
N ASP A 228 9.88 -25.30 -0.80
CA ASP A 228 8.72 -24.88 -0.02
C ASP A 228 8.36 -23.44 -0.33
N ARG A 229 7.30 -23.25 -1.10
CA ARG A 229 6.81 -21.94 -1.48
C ARG A 229 6.50 -20.98 -0.31
N LYS A 230 6.05 -21.54 0.82
CA LYS A 230 5.72 -20.75 2.00
C LYS A 230 6.97 -20.16 2.63
N ASN A 231 8.14 -20.56 2.16
CA ASN A 231 9.42 -20.09 2.72
C ASN A 231 10.31 -19.50 1.64
N ALA A 232 9.73 -19.25 0.48
CA ALA A 232 10.46 -18.72 -0.67
C ALA A 232 10.77 -17.23 -0.56
N LYS A 233 9.85 -16.48 0.00
CA LYS A 233 10.00 -15.03 0.17
C LYS A 233 11.38 -14.57 0.70
N THR A 234 11.79 -13.36 0.30
CA THR A 234 13.06 -12.75 0.72
C THR A 234 13.22 -12.62 2.24
N LYS A 235 12.13 -12.30 2.95
CA LYS A 235 12.15 -12.16 4.40
C LYS A 235 12.65 -13.44 5.04
N TYR A 236 12.38 -14.58 4.40
CA TYR A 236 12.81 -15.89 4.90
C TYR A 236 14.25 -16.14 4.50
N THR A 237 14.56 -15.82 3.26
CA THR A 237 15.93 -15.98 2.77
C THR A 237 16.88 -15.17 3.65
N LEU A 238 16.47 -13.94 3.98
CA LEU A 238 17.29 -13.05 4.82
C LEU A 238 17.52 -13.63 6.21
N GLU A 239 16.49 -14.26 6.76
CA GLU A 239 16.60 -14.83 8.08
C GLU A 239 17.44 -16.09 8.10
N ARG A 240 17.47 -16.80 6.98
CA ARG A 240 18.25 -18.02 6.89
C ARG A 240 19.75 -17.73 6.68
N VAL A 241 20.08 -16.84 5.74
CA VAL A 241 21.47 -16.52 5.44
C VAL A 241 22.03 -15.33 6.22
N GLY A 242 21.14 -14.47 6.70
CA GLY A 242 21.59 -13.31 7.45
C GLY A 242 21.68 -12.09 6.55
N VAL A 243 21.31 -10.94 7.10
CA VAL A 243 21.34 -9.68 6.38
C VAL A 243 22.72 -9.36 5.81
N GLU A 244 23.75 -9.44 6.65
CA GLU A 244 25.10 -9.12 6.24
C GLU A 244 25.65 -10.03 5.14
N THR A 245 25.23 -11.30 5.17
CA THR A 245 25.66 -12.27 4.16
C THR A 245 24.96 -11.89 2.86
N PHE A 246 23.68 -11.57 2.98
CA PHE A 246 22.89 -11.19 1.81
C PHE A 246 23.46 -9.89 1.20
N LYS A 247 23.81 -8.98 2.10
CA LYS A 247 24.37 -7.66 1.76
C LYS A 247 25.67 -7.78 0.95
N ALA A 248 26.60 -8.58 1.46
CA ALA A 248 27.89 -8.80 0.80
C ALA A 248 27.68 -9.29 -0.63
N GLU A 249 26.81 -10.28 -0.82
CA GLU A 249 26.54 -10.80 -2.16
C GLU A 249 25.94 -9.73 -3.07
N VAL A 250 25.10 -8.87 -2.51
CA VAL A 250 24.51 -7.80 -3.29
C VAL A 250 25.63 -6.84 -3.74
N GLU A 251 26.58 -6.56 -2.85
CA GLU A 251 27.68 -5.67 -3.20
C GLU A 251 28.62 -6.31 -4.19
N ARG A 252 28.84 -7.60 -4.01
CA ARG A 252 29.72 -8.34 -4.91
C ARG A 252 29.13 -8.36 -6.33
N ARG A 253 27.85 -8.70 -6.41
CA ARG A 253 27.15 -8.80 -7.68
C ARG A 253 26.93 -7.45 -8.35
N ALA A 254 26.68 -6.43 -7.54
CA ALA A 254 26.41 -5.08 -8.04
C ALA A 254 27.69 -4.32 -8.45
N GLY A 255 28.81 -4.68 -7.85
CA GLY A 255 30.06 -4.01 -8.18
C GLY A 255 30.23 -2.73 -7.39
N ILE A 256 29.55 -2.65 -6.24
CA ILE A 256 29.60 -1.49 -5.35
C ILE A 256 29.76 -1.91 -3.89
N LYS A 257 30.03 -0.94 -3.04
CA LYS A 257 30.13 -1.14 -1.61
C LYS A 257 29.11 -0.15 -1.08
N PHE A 258 28.25 -0.58 -0.17
CA PHE A 258 27.24 0.32 0.37
C PHE A 258 27.87 1.31 1.30
N GLU A 259 27.37 2.54 1.24
CA GLU A 259 27.84 3.58 2.10
C GLU A 259 26.92 3.58 3.28
N PRO A 260 27.30 4.24 4.37
CA PRO A 260 26.45 4.30 5.56
C PRO A 260 25.06 4.87 5.24
N ILE A 261 24.07 4.41 5.99
CA ILE A 261 22.70 4.88 5.83
C ILE A 261 22.65 6.38 6.12
N ARG A 262 22.01 7.15 5.25
CA ARG A 262 21.89 8.58 5.49
C ARG A 262 20.56 8.83 6.17
N PRO A 263 20.53 9.69 7.21
CA PRO A 263 19.34 10.04 7.99
C PRO A 263 18.02 10.23 7.26
N TYR A 264 17.01 9.51 7.70
CA TYR A 264 15.67 9.62 7.12
C TYR A 264 14.67 9.36 8.24
N GLU A 265 13.54 10.04 8.18
CA GLU A 265 12.49 9.90 9.17
C GLU A 265 11.14 9.93 8.44
N PHE A 266 10.14 9.34 9.08
CA PHE A 266 8.78 9.29 8.53
C PHE A 266 7.90 9.94 9.58
N THR A 267 6.78 10.51 9.14
CA THR A 267 5.87 11.16 10.05
C THR A 267 4.45 10.61 9.89
N GLY A 268 4.20 9.83 8.85
CA GLY A 268 2.88 9.29 8.63
C GLY A 268 2.78 8.45 7.38
N ARG A 269 1.62 7.85 7.18
CA ARG A 269 1.35 7.02 6.00
C ARG A 269 0.07 7.42 5.30
N GLY A 270 -0.60 8.44 5.80
CA GLY A 270 -1.82 8.87 5.17
C GLY A 270 -1.66 9.73 3.92
N ASP A 271 -2.76 9.91 3.22
CA ASP A 271 -2.83 10.73 2.03
C ASP A 271 -3.16 12.12 2.54
N ARG A 272 -3.00 13.10 1.66
CA ARG A 272 -3.28 14.47 2.06
C ARG A 272 -4.62 14.82 1.41
N ILE A 273 -5.68 14.33 2.03
CA ILE A 273 -7.05 14.50 1.55
C ILE A 273 -7.33 15.98 1.40
N GLY A 274 -7.88 16.36 0.24
CA GLY A 274 -8.19 17.75 -0.04
C GLY A 274 -7.18 18.36 -0.99
N TRP A 275 -7.06 19.68 -0.99
CA TRP A 275 -6.13 20.39 -1.85
C TRP A 275 -4.83 20.67 -1.17
N VAL A 276 -3.74 20.54 -1.92
CA VAL A 276 -2.42 20.87 -1.41
C VAL A 276 -1.77 21.54 -2.60
N LYS A 277 -0.84 22.44 -2.32
CA LYS A 277 -0.16 23.17 -3.37
C LYS A 277 1.01 22.37 -3.90
N GLY A 278 1.11 22.33 -5.22
CA GLY A 278 2.22 21.64 -5.86
C GLY A 278 3.17 22.73 -6.31
N ILE A 279 3.89 22.46 -7.39
CA ILE A 279 4.84 23.41 -7.95
C ILE A 279 4.14 24.39 -8.86
N ASP A 280 4.60 25.64 -8.85
CA ASP A 280 4.04 26.70 -9.69
C ASP A 280 2.62 27.01 -9.23
N ASP A 281 1.68 27.06 -10.18
CA ASP A 281 0.28 27.32 -9.85
C ASP A 281 -0.50 26.00 -9.80
N ASN A 282 0.23 24.90 -9.69
CA ASN A 282 -0.34 23.56 -9.63
C ASN A 282 -0.90 23.23 -8.26
N TRP A 283 -1.99 22.50 -8.24
CA TRP A 283 -2.63 22.06 -7.00
C TRP A 283 -2.98 20.59 -7.17
N HIS A 284 -3.14 19.89 -6.05
CA HIS A 284 -3.51 18.49 -6.07
C HIS A 284 -4.71 18.26 -5.18
N LEU A 285 -5.72 17.57 -5.73
CA LEU A 285 -6.93 17.22 -5.00
C LEU A 285 -6.99 15.73 -4.78
N THR A 286 -6.65 15.29 -3.59
CA THR A 286 -6.73 13.88 -3.27
C THR A 286 -8.15 13.63 -2.80
N LEU A 287 -8.80 12.70 -3.46
CA LEU A 287 -10.17 12.33 -3.14
C LEU A 287 -10.16 11.05 -2.35
N PHE A 288 -10.86 11.04 -1.22
CA PHE A 288 -10.98 9.83 -0.42
C PHE A 288 -12.03 8.96 -1.06
N ILE A 289 -11.65 7.75 -1.48
CA ILE A 289 -12.58 6.82 -2.11
C ILE A 289 -12.60 5.59 -1.22
N GLU A 290 -13.73 5.34 -0.58
CA GLU A 290 -13.89 4.23 0.34
C GLU A 290 -13.69 2.88 -0.34
N ASN A 291 -12.69 2.16 0.15
CA ASN A 291 -12.33 0.83 -0.37
C ASN A 291 -11.86 0.92 -1.79
N GLY A 292 -11.55 2.13 -2.24
CA GLY A 292 -11.08 2.32 -3.60
C GLY A 292 -12.08 1.82 -4.64
N ARG A 293 -13.31 1.56 -4.21
CA ARG A 293 -14.33 1.05 -5.12
C ARG A 293 -15.03 2.17 -5.84
N ILE A 294 -14.78 2.26 -7.13
CA ILE A 294 -15.37 3.28 -7.96
C ILE A 294 -16.56 2.71 -8.73
N LEU A 295 -17.74 3.19 -8.38
CA LEU A 295 -18.97 2.76 -9.01
C LEU A 295 -19.98 3.86 -8.76
N ASP A 296 -21.03 3.93 -9.57
CA ASP A 296 -22.05 4.94 -9.36
C ASP A 296 -23.06 4.34 -8.40
N TYR A 297 -23.25 5.03 -7.30
CA TYR A 297 -24.19 4.56 -6.32
C TYR A 297 -25.31 5.56 -6.34
N PRO A 298 -26.47 5.18 -5.80
CA PRO A 298 -27.59 6.11 -5.79
C PRO A 298 -27.14 7.40 -5.11
N ALA A 299 -27.22 8.50 -5.87
CA ALA A 299 -26.87 9.84 -5.39
C ALA A 299 -25.38 10.14 -5.22
N ARG A 300 -24.54 9.14 -5.44
CA ARG A 300 -23.10 9.32 -5.33
C ARG A 300 -22.48 8.73 -6.56
N PRO A 301 -22.64 9.43 -7.70
CA PRO A 301 -22.07 8.95 -8.96
C PRO A 301 -20.55 9.10 -8.99
N LEU A 302 -19.85 8.33 -8.17
CA LEU A 302 -18.40 8.43 -8.11
C LEU A 302 -17.75 8.14 -9.44
N LYS A 303 -18.19 7.08 -10.10
CA LYS A 303 -17.62 6.67 -11.39
C LYS A 303 -17.79 7.66 -12.54
N THR A 304 -18.93 8.33 -12.58
CA THR A 304 -19.22 9.30 -13.63
C THR A 304 -18.53 10.63 -13.29
N GLY A 305 -18.56 11.00 -12.02
CA GLY A 305 -17.92 12.22 -11.57
C GLY A 305 -16.46 12.18 -11.96
N LEU A 306 -15.82 11.03 -11.80
CA LEU A 306 -14.42 10.88 -12.18
C LEU A 306 -14.25 10.89 -13.70
N LEU A 307 -15.28 10.42 -14.43
CA LEU A 307 -15.20 10.45 -15.88
C LEU A 307 -15.29 11.90 -16.32
N GLU A 308 -16.17 12.64 -15.66
CA GLU A 308 -16.39 14.05 -15.91
C GLU A 308 -15.17 14.89 -15.63
N ILE A 309 -14.46 14.58 -14.55
CA ILE A 309 -13.24 15.30 -14.21
C ILE A 309 -12.16 14.88 -15.23
N ALA A 310 -12.14 13.61 -15.60
CA ALA A 310 -11.18 13.11 -16.54
C ALA A 310 -11.30 13.85 -17.87
N LYS A 311 -12.53 14.19 -18.26
CA LYS A 311 -12.73 14.87 -19.53
C LYS A 311 -12.30 16.33 -19.54
N ILE A 312 -12.26 16.97 -18.38
CA ILE A 312 -11.87 18.37 -18.35
C ILE A 312 -10.55 18.59 -17.63
N HIS A 313 -9.96 17.54 -17.08
CA HIS A 313 -8.72 17.69 -16.32
C HIS A 313 -7.46 17.79 -17.14
N LYS A 314 -6.71 18.84 -16.85
CA LYS A 314 -5.44 19.08 -17.50
C LYS A 314 -4.48 18.28 -16.64
N GLY A 315 -4.10 17.08 -17.05
CA GLY A 315 -3.17 16.34 -16.22
C GLY A 315 -3.38 14.86 -16.04
N ASP A 316 -2.77 14.37 -14.98
CA ASP A 316 -2.84 12.97 -14.63
C ASP A 316 -3.65 12.80 -13.37
N PHE A 317 -3.86 11.55 -13.03
CA PHE A 317 -4.54 11.13 -11.82
C PHE A 317 -3.45 10.31 -11.15
N ARG A 318 -3.51 10.14 -9.84
CA ARG A 318 -2.51 9.31 -9.19
C ARG A 318 -3.23 8.34 -8.25
N ILE A 319 -3.00 7.05 -8.45
CA ILE A 319 -3.62 6.07 -7.58
C ILE A 319 -2.70 5.88 -6.37
N THR A 320 -3.21 6.23 -5.19
CA THR A 320 -2.40 6.13 -3.98
C THR A 320 -2.37 4.73 -3.39
N ALA A 321 -1.45 4.51 -2.46
CA ALA A 321 -1.33 3.22 -1.80
C ALA A 321 -2.42 3.09 -0.73
N ASN A 322 -3.20 4.16 -0.53
CA ASN A 322 -4.31 4.11 0.43
C ASN A 322 -5.63 3.95 -0.31
N GLN A 323 -5.54 3.51 -1.57
CA GLN A 323 -6.67 3.27 -2.45
C GLN A 323 -7.50 4.50 -2.73
N ASN A 324 -6.84 5.66 -2.76
CA ASN A 324 -7.52 6.93 -3.05
C ASN A 324 -7.00 7.40 -4.38
N LEU A 325 -7.55 8.52 -4.87
CA LEU A 325 -7.14 9.02 -6.17
C LEU A 325 -6.84 10.47 -6.08
N ILE A 326 -5.70 10.85 -6.64
CA ILE A 326 -5.27 12.24 -6.65
C ILE A 326 -5.47 12.79 -8.06
N ILE A 327 -6.13 13.94 -8.12
CA ILE A 327 -6.33 14.69 -9.36
C ILE A 327 -5.15 15.68 -9.28
N ALA A 328 -4.06 15.28 -9.93
CA ALA A 328 -2.79 16.01 -9.93
C ALA A 328 -2.53 17.11 -10.95
N GLY A 329 -1.91 18.19 -10.47
CA GLY A 329 -1.56 19.26 -11.35
C GLY A 329 -2.73 20.02 -11.91
N VAL A 330 -3.60 20.47 -11.02
CA VAL A 330 -4.75 21.26 -11.40
C VAL A 330 -4.29 22.71 -11.31
N PRO A 331 -4.34 23.44 -12.43
CA PRO A 331 -3.93 24.85 -12.42
C PRO A 331 -4.85 25.59 -11.43
N GLU A 332 -4.32 26.57 -10.70
CA GLU A 332 -5.14 27.29 -9.73
C GLU A 332 -6.46 27.77 -10.31
N SER A 333 -6.47 28.13 -11.59
CA SER A 333 -7.70 28.61 -12.22
C SER A 333 -8.77 27.54 -12.38
N GLU A 334 -8.34 26.27 -12.43
CA GLU A 334 -9.26 25.16 -12.60
C GLU A 334 -9.79 24.55 -11.31
N LYS A 335 -9.31 25.03 -10.17
CA LYS A 335 -9.74 24.48 -8.88
C LYS A 335 -11.26 24.38 -8.71
N ALA A 336 -11.95 25.49 -8.93
CA ALA A 336 -13.41 25.52 -8.79
C ALA A 336 -14.09 24.58 -9.77
N LYS A 337 -13.54 24.48 -10.98
CA LYS A 337 -14.07 23.61 -12.03
C LYS A 337 -14.15 22.18 -11.48
N ILE A 338 -12.98 21.63 -11.16
CA ILE A 338 -12.85 20.28 -10.64
C ILE A 338 -13.63 20.09 -9.35
N GLU A 339 -13.48 21.02 -8.42
CA GLU A 339 -14.17 20.91 -7.14
C GLU A 339 -15.69 20.85 -7.28
N LYS A 340 -16.21 21.54 -8.28
CA LYS A 340 -17.65 21.53 -8.50
C LYS A 340 -18.12 20.10 -8.78
N ILE A 341 -17.43 19.40 -9.68
CA ILE A 341 -17.78 18.03 -10.06
C ILE A 341 -17.51 17.02 -8.93
N ALA A 342 -16.32 17.08 -8.33
CA ALA A 342 -15.98 16.19 -7.23
C ALA A 342 -17.03 16.35 -6.13
N LYS A 343 -17.38 17.59 -5.84
CA LYS A 343 -18.34 17.90 -4.80
C LYS A 343 -19.73 17.35 -5.12
N GLU A 344 -20.21 17.65 -6.32
CA GLU A 344 -21.53 17.22 -6.74
C GLU A 344 -21.68 15.72 -6.85
N SER A 345 -20.57 15.05 -7.17
CA SER A 345 -20.58 13.60 -7.35
C SER A 345 -20.41 12.80 -6.07
N GLY A 346 -20.22 13.48 -4.95
CA GLY A 346 -20.05 12.79 -3.68
C GLY A 346 -18.61 12.33 -3.46
N LEU A 347 -17.68 12.88 -4.25
CA LEU A 347 -16.27 12.50 -4.16
C LEU A 347 -15.57 13.29 -3.09
N MET A 348 -16.24 14.29 -2.55
CA MET A 348 -15.65 15.10 -1.49
C MET A 348 -16.48 15.08 -0.23
N ASN A 349 -17.31 14.05 -0.09
CA ASN A 349 -18.13 13.93 1.09
C ASN A 349 -17.14 13.87 2.24
N ALA A 350 -17.44 14.59 3.31
CA ALA A 350 -16.56 14.62 4.46
C ALA A 350 -16.68 13.36 5.31
N VAL A 351 -15.51 12.80 5.65
CA VAL A 351 -15.41 11.62 6.50
C VAL A 351 -14.53 12.00 7.69
N THR A 352 -14.58 11.18 8.72
CA THR A 352 -13.77 11.45 9.89
C THR A 352 -12.36 11.06 9.54
N PRO A 353 -11.39 11.58 10.30
CA PRO A 353 -9.97 11.28 10.09
C PRO A 353 -9.72 9.78 10.30
N GLN A 354 -10.66 9.11 10.99
CA GLN A 354 -10.55 7.68 11.22
C GLN A 354 -10.82 6.89 9.95
N ARG A 355 -11.94 7.19 9.30
CA ARG A 355 -12.30 6.52 8.06
C ARG A 355 -11.19 6.72 7.04
N GLU A 356 -10.60 7.91 7.03
CA GLU A 356 -9.52 8.25 6.10
C GLU A 356 -8.28 7.44 6.34
N ASN A 357 -8.07 7.02 7.58
CA ASN A 357 -6.89 6.19 7.91
C ASN A 357 -7.17 4.69 8.13
N SER A 358 -8.24 4.18 7.52
CA SER A 358 -8.61 2.78 7.66
C SER A 358 -8.58 2.11 6.30
N MET A 359 -8.16 0.85 6.26
CA MET A 359 -8.06 0.09 5.02
C MET A 359 -8.48 -1.36 5.20
N ALA A 360 -8.95 -1.96 4.11
CA ALA A 360 -9.39 -3.35 4.05
C ALA A 360 -9.09 -3.88 2.67
N CYS A 361 -9.04 -5.18 2.53
CA CYS A 361 -8.79 -5.77 1.24
C CYS A 361 -10.15 -6.06 0.58
N VAL A 362 -10.10 -6.52 -0.67
CA VAL A 362 -11.29 -6.85 -1.43
C VAL A 362 -12.14 -7.92 -0.76
N SER A 363 -11.49 -9.06 -0.51
CA SER A 363 -12.14 -10.22 0.10
C SER A 363 -13.31 -10.71 -0.74
N PHE A 364 -14.43 -11.04 -0.11
CA PHE A 364 -15.59 -11.52 -0.82
C PHE A 364 -16.15 -10.34 -1.56
N PRO A 365 -16.91 -10.60 -2.64
CA PRO A 365 -17.25 -11.93 -3.17
C PRO A 365 -16.31 -12.51 -4.19
N THR A 366 -15.35 -11.71 -4.64
CA THR A 366 -14.42 -12.15 -5.67
C THR A 366 -13.19 -12.94 -5.24
N CYS A 367 -12.66 -12.70 -4.05
CA CYS A 367 -11.48 -13.42 -3.63
C CYS A 367 -11.78 -14.85 -3.27
N PRO A 368 -11.09 -15.78 -3.93
CA PRO A 368 -11.28 -17.21 -3.68
C PRO A 368 -10.58 -17.70 -2.39
N LEU A 369 -9.71 -16.87 -1.82
CA LEU A 369 -8.98 -17.25 -0.63
C LEU A 369 -9.57 -16.62 0.60
N ALA A 370 -10.64 -15.87 0.44
CA ALA A 370 -11.29 -15.17 1.53
C ALA A 370 -11.88 -16.06 2.63
N MET A 371 -11.73 -15.62 3.88
CA MET A 371 -12.24 -16.32 5.04
C MET A 371 -13.29 -15.45 5.73
N ALA A 372 -13.01 -14.16 5.86
CA ALA A 372 -13.91 -13.21 6.49
C ALA A 372 -14.03 -11.98 5.57
N GLU A 373 -15.16 -11.25 5.67
CA GLU A 373 -15.38 -10.07 4.84
C GLU A 373 -14.37 -9.00 5.25
N ALA A 374 -14.05 -8.11 4.32
CA ALA A 374 -13.10 -7.04 4.58
C ALA A 374 -13.64 -5.76 3.96
N GLU A 375 -13.58 -5.68 2.63
CA GLU A 375 -14.11 -4.50 1.95
C GLU A 375 -15.58 -4.28 2.27
N ARG A 376 -16.38 -5.33 2.26
CA ARG A 376 -17.82 -5.21 2.54
C ARG A 376 -18.17 -5.12 4.02
N PHE A 377 -17.15 -5.11 4.87
CA PHE A 377 -17.37 -5.02 6.28
C PHE A 377 -16.82 -3.72 6.85
N LEU A 378 -15.77 -3.19 6.23
CA LEU A 378 -15.14 -1.98 6.72
C LEU A 378 -16.02 -0.79 6.96
N PRO A 379 -16.87 -0.44 5.98
CA PRO A 379 -17.78 0.71 6.09
C PRO A 379 -18.58 0.80 7.39
N SER A 380 -19.35 -0.25 7.68
CA SER A 380 -20.16 -0.31 8.87
C SER A 380 -19.31 -0.45 10.11
N PHE A 381 -18.19 -1.14 9.97
CA PHE A 381 -17.31 -1.32 11.09
C PHE A 381 -16.81 0.05 11.52
N ILE A 382 -16.35 0.82 10.54
CA ILE A 382 -15.86 2.15 10.85
C ILE A 382 -16.96 3.06 11.43
N ASP A 383 -18.20 2.84 11.03
CA ASP A 383 -19.33 3.62 11.57
C ASP A 383 -19.27 3.38 13.06
N ASN A 384 -19.08 2.12 13.43
CA ASN A 384 -19.01 1.76 14.84
C ASN A 384 -17.81 2.36 15.55
N ILE A 385 -16.65 2.35 14.90
CA ILE A 385 -15.42 2.89 15.46
C ILE A 385 -15.55 4.40 15.66
N ASP A 386 -16.20 5.08 14.71
CA ASP A 386 -16.45 6.52 14.78
C ASP A 386 -17.26 6.85 16.04
N ASN A 387 -18.27 6.03 16.35
CA ASN A 387 -19.07 6.24 17.55
C ASN A 387 -18.22 6.15 18.79
N LEU A 388 -17.34 5.16 18.82
CA LEU A 388 -16.44 4.96 19.96
C LEU A 388 -15.49 6.14 20.10
N MET A 389 -14.99 6.62 18.97
CA MET A 389 -14.05 7.74 18.95
C MET A 389 -14.80 8.96 19.48
N ALA A 390 -16.04 9.12 19.02
CA ALA A 390 -16.87 10.23 19.46
C ALA A 390 -17.09 10.10 20.96
N LYS A 391 -17.67 8.97 21.38
CA LYS A 391 -17.94 8.69 22.77
C LYS A 391 -16.75 9.00 23.71
N HIS A 392 -15.52 8.87 23.22
CA HIS A 392 -14.36 9.14 24.06
C HIS A 392 -13.71 10.50 23.88
N GLY A 393 -14.33 11.29 23.01
CA GLY A 393 -13.84 12.64 22.76
C GLY A 393 -12.57 12.71 21.97
N VAL A 394 -12.43 11.79 21.01
CA VAL A 394 -11.23 11.70 20.17
C VAL A 394 -11.60 11.56 18.69
N SER A 395 -12.75 12.10 18.33
CA SER A 395 -13.26 12.05 16.97
C SER A 395 -12.41 12.76 15.90
N ASP A 396 -11.48 13.60 16.33
CA ASP A 396 -10.59 14.31 15.42
C ASP A 396 -9.29 13.51 15.29
N GLU A 397 -9.20 12.45 16.08
CA GLU A 397 -8.05 11.55 16.10
C GLU A 397 -8.22 10.36 15.13
N HIS A 398 -7.18 9.55 14.99
CA HIS A 398 -7.30 8.39 14.12
C HIS A 398 -6.37 7.32 14.62
N ILE A 399 -6.69 6.08 14.29
CA ILE A 399 -5.89 4.89 14.65
C ILE A 399 -5.73 4.19 13.30
N VAL A 400 -4.51 3.84 12.89
CA VAL A 400 -4.35 3.13 11.61
C VAL A 400 -4.99 1.76 11.79
N MET A 401 -6.18 1.60 11.23
CA MET A 401 -6.98 0.39 11.38
C MET A 401 -7.20 -0.30 10.08
N ARG A 402 -6.75 -1.54 10.00
CA ARG A 402 -6.87 -2.30 8.77
C ARG A 402 -7.42 -3.69 8.99
N VAL A 403 -8.20 -4.16 8.02
CA VAL A 403 -8.83 -5.46 8.06
C VAL A 403 -8.40 -6.24 6.84
N THR A 404 -7.83 -7.41 7.06
CA THR A 404 -7.42 -8.25 5.96
C THR A 404 -8.32 -9.49 6.03
N GLY A 405 -8.93 -9.86 4.91
CA GLY A 405 -9.84 -11.00 4.84
C GLY A 405 -9.33 -12.42 5.07
N CYS A 406 -8.02 -12.60 5.02
CA CYS A 406 -7.39 -13.88 5.26
C CYS A 406 -5.98 -13.49 5.66
N PRO A 407 -5.17 -14.42 6.15
CA PRO A 407 -3.81 -14.00 6.53
C PRO A 407 -2.78 -13.65 5.46
N ASN A 408 -3.10 -13.81 4.17
CA ASN A 408 -2.16 -13.45 3.11
C ASN A 408 -1.70 -12.01 3.31
N GLY A 409 -2.55 -11.23 4.00
CA GLY A 409 -2.21 -9.86 4.37
C GLY A 409 -2.36 -8.70 3.42
N CYS A 410 -3.17 -8.86 2.38
CA CYS A 410 -3.40 -7.81 1.39
C CYS A 410 -3.88 -6.47 1.96
N GLY A 411 -4.68 -6.49 3.02
CA GLY A 411 -5.13 -5.23 3.59
C GLY A 411 -4.08 -4.55 4.46
N ARG A 412 -2.90 -5.16 4.55
CA ARG A 412 -1.76 -4.65 5.34
C ARG A 412 -2.06 -4.42 6.81
N ALA A 413 -2.84 -5.33 7.39
CA ALA A 413 -3.20 -5.24 8.80
C ALA A 413 -2.00 -5.54 9.67
N MET A 414 -0.99 -6.20 9.11
CA MET A 414 0.21 -6.52 9.89
C MET A 414 1.20 -5.36 10.04
N LEU A 415 0.77 -4.15 9.67
CA LEU A 415 1.59 -2.94 9.83
C LEU A 415 0.68 -1.85 10.42
N ALA A 416 -0.50 -2.23 10.87
CA ALA A 416 -1.47 -1.31 11.44
C ALA A 416 -1.38 -1.24 12.94
N GLU A 417 -2.00 -0.22 13.54
CA GLU A 417 -2.01 -0.07 14.99
C GLU A 417 -2.98 -1.10 15.50
N VAL A 418 -4.09 -1.23 14.79
CA VAL A 418 -5.11 -2.20 15.08
C VAL A 418 -5.30 -2.93 13.76
N GLY A 419 -5.06 -4.23 13.77
CA GLY A 419 -5.22 -5.02 12.57
C GLY A 419 -6.13 -6.19 12.82
N LEU A 420 -7.09 -6.41 11.93
CA LEU A 420 -8.02 -7.52 12.05
C LEU A 420 -7.69 -8.52 10.98
N VAL A 421 -7.33 -9.73 11.38
CA VAL A 421 -6.99 -10.75 10.40
C VAL A 421 -8.05 -11.87 10.36
N GLY A 422 -8.81 -11.89 9.26
CA GLY A 422 -9.86 -12.87 9.04
C GLY A 422 -9.48 -14.31 9.29
N LYS A 423 -10.29 -15.02 10.09
CA LYS A 423 -10.03 -16.42 10.41
C LYS A 423 -11.16 -17.34 9.94
N ALA A 424 -12.35 -16.80 9.84
CA ALA A 424 -13.52 -17.54 9.41
C ALA A 424 -14.63 -16.51 9.24
N PRO A 425 -15.78 -16.91 8.67
CA PRO A 425 -16.89 -15.99 8.48
C PRO A 425 -17.24 -15.23 9.77
N GLY A 426 -17.12 -13.90 9.73
CA GLY A 426 -17.42 -13.08 10.90
C GLY A 426 -16.46 -13.19 12.08
N ARG A 427 -15.32 -13.85 11.90
CA ARG A 427 -14.36 -13.99 12.99
C ARG A 427 -13.00 -13.55 12.49
N TYR A 428 -12.36 -12.74 13.31
CA TYR A 428 -11.06 -12.18 12.98
C TYR A 428 -10.15 -12.32 14.19
N ASN A 429 -8.84 -12.16 13.93
CA ASN A 429 -7.81 -12.17 14.97
C ASN A 429 -7.54 -10.69 15.14
N LEU A 430 -7.44 -10.24 16.38
CA LEU A 430 -7.23 -8.82 16.66
C LEU A 430 -5.80 -8.59 17.08
N HIS A 431 -5.12 -7.80 16.28
CA HIS A 431 -3.74 -7.45 16.51
C HIS A 431 -3.67 -5.98 16.91
N LEU A 432 -2.78 -5.67 17.85
CA LEU A 432 -2.59 -4.32 18.37
C LEU A 432 -1.10 -4.17 18.57
N GLY A 433 -0.62 -2.94 18.49
CA GLY A 433 0.79 -2.73 18.74
C GLY A 433 1.64 -2.05 17.71
N GLY A 434 1.14 -1.92 16.47
CA GLY A 434 1.91 -1.27 15.42
C GLY A 434 1.97 0.21 15.75
N ASN A 435 2.42 1.03 14.81
CA ASN A 435 2.49 2.45 15.09
C ASN A 435 1.97 3.22 13.88
N ARG A 436 1.95 4.54 13.98
CA ARG A 436 1.44 5.36 12.90
C ARG A 436 2.23 5.31 11.61
N ILE A 437 3.56 5.22 11.72
CA ILE A 437 4.38 5.18 10.53
C ILE A 437 4.57 3.79 9.93
N GLY A 438 4.15 2.76 10.66
CA GLY A 438 4.22 1.40 10.16
C GLY A 438 5.58 0.76 10.13
N THR A 439 6.31 0.88 11.23
CA THR A 439 7.64 0.28 11.34
C THR A 439 7.62 -0.84 12.39
N ARG A 440 6.42 -1.22 12.83
CA ARG A 440 6.29 -2.26 13.86
C ARG A 440 5.11 -3.16 13.56
N ILE A 441 5.32 -4.46 13.78
CA ILE A 441 4.30 -5.45 13.54
C ILE A 441 3.43 -5.66 14.78
N PRO A 442 2.09 -5.61 14.61
CA PRO A 442 1.18 -5.80 15.73
C PRO A 442 1.03 -7.24 16.17
N ARG A 443 1.31 -7.51 17.44
CA ARG A 443 1.18 -8.84 17.99
C ARG A 443 -0.31 -9.18 18.09
N MET A 444 -0.63 -10.46 18.09
CA MET A 444 -2.02 -10.87 18.22
C MET A 444 -2.47 -10.66 19.67
N TYR A 445 -3.55 -9.91 19.82
CA TYR A 445 -4.10 -9.60 21.13
C TYR A 445 -5.24 -10.56 21.52
N LYS A 446 -6.19 -10.78 20.62
CA LYS A 446 -7.30 -11.71 20.85
C LYS A 446 -7.46 -12.53 19.58
N GLU A 447 -8.00 -13.74 19.70
CA GLU A 447 -8.11 -14.64 18.56
C GLU A 447 -9.52 -15.09 18.21
N ASN A 448 -9.77 -15.26 16.91
CA ASN A 448 -11.04 -15.79 16.38
C ASN A 448 -12.33 -15.22 16.99
N ILE A 449 -12.37 -13.91 17.15
CA ILE A 449 -13.52 -13.23 17.76
C ILE A 449 -14.39 -12.50 16.73
N THR A 450 -15.64 -12.23 17.11
CA THR A 450 -16.61 -11.56 16.23
C THR A 450 -16.62 -10.06 16.41
N GLU A 451 -17.30 -9.34 15.51
CA GLU A 451 -17.35 -7.89 15.59
C GLU A 451 -17.77 -7.32 16.95
N PRO A 452 -18.91 -7.79 17.52
CA PRO A 452 -19.32 -7.25 18.82
C PRO A 452 -18.28 -7.45 19.92
N GLU A 453 -17.47 -8.49 19.78
CA GLU A 453 -16.43 -8.75 20.76
C GLU A 453 -15.23 -7.86 20.42
N ILE A 454 -15.03 -7.59 19.14
CA ILE A 454 -13.93 -6.75 18.71
C ILE A 454 -14.17 -5.32 19.19
N LEU A 455 -15.39 -4.82 19.00
CA LEU A 455 -15.78 -3.48 19.43
C LEU A 455 -15.71 -3.30 20.95
N ALA A 456 -16.13 -4.31 21.70
CA ALA A 456 -16.10 -4.25 23.16
C ALA A 456 -14.67 -4.06 23.63
N SER A 457 -13.71 -4.72 22.98
CA SER A 457 -12.30 -4.57 23.34
C SER A 457 -11.80 -3.16 23.06
N LEU A 458 -12.09 -2.66 21.85
CA LEU A 458 -11.67 -1.33 21.41
C LEU A 458 -12.37 -0.21 22.16
N ASP A 459 -13.62 -0.45 22.55
CA ASP A 459 -14.34 0.54 23.32
C ASP A 459 -13.50 0.83 24.56
N GLU A 460 -13.16 -0.23 25.27
CA GLU A 460 -12.36 -0.13 26.48
C GLU A 460 -10.97 0.43 26.22
N LEU A 461 -10.30 -0.14 25.22
CA LEU A 461 -8.95 0.28 24.87
C LEU A 461 -8.87 1.73 24.43
N ILE A 462 -9.85 2.18 23.65
CA ILE A 462 -9.88 3.57 23.19
C ILE A 462 -10.19 4.46 24.38
N GLY A 463 -11.07 3.97 25.25
CA GLY A 463 -11.41 4.73 26.43
C GLY A 463 -10.16 5.09 27.18
N ARG A 464 -9.27 4.12 27.39
CA ARG A 464 -8.01 4.34 28.12
C ARG A 464 -7.02 5.24 27.40
N TRP A 465 -6.88 5.06 26.10
CA TRP A 465 -5.96 5.89 25.33
C TRP A 465 -6.38 7.36 25.46
N ALA A 466 -7.65 7.61 25.28
CA ALA A 466 -8.22 8.96 25.36
C ALA A 466 -7.89 9.66 26.68
N LYS A 467 -7.79 8.88 27.76
CA LYS A 467 -7.53 9.43 29.07
C LYS A 467 -6.12 9.28 29.61
N GLU A 468 -5.36 8.31 29.11
CA GLU A 468 -4.01 8.08 29.60
C GLU A 468 -2.91 8.43 28.63
N ARG A 469 -3.27 8.74 27.40
CA ARG A 469 -2.23 9.04 26.44
C ARG A 469 -1.47 10.33 26.69
N GLU A 470 -0.20 10.30 26.31
CA GLU A 470 0.63 11.48 26.44
C GLU A 470 0.31 12.39 25.26
N ALA A 471 0.94 13.56 25.24
CA ALA A 471 0.71 14.55 24.19
C ALA A 471 1.09 13.99 22.83
N GLY A 472 0.08 13.86 21.96
CA GLY A 472 0.31 13.37 20.60
C GLY A 472 0.75 11.91 20.47
N GLU A 473 0.43 11.10 21.48
CA GLU A 473 0.78 9.69 21.49
C GLU A 473 -0.28 8.89 20.76
N GLY A 474 0.16 8.07 19.82
CA GLY A 474 -0.74 7.25 19.03
C GLY A 474 -1.28 6.05 19.78
N PHE A 475 -2.37 5.47 19.30
CA PHE A 475 -2.96 4.31 19.95
C PHE A 475 -2.00 3.13 20.04
N GLY A 476 -1.32 2.82 18.94
CA GLY A 476 -0.39 1.71 18.91
C GLY A 476 0.65 1.78 20.00
N ASP A 477 1.38 2.90 20.02
CA ASP A 477 2.40 3.12 21.02
C ASP A 477 1.84 3.07 22.44
N PHE A 478 0.61 3.54 22.61
CA PHE A 478 -0.04 3.53 23.90
C PHE A 478 -0.16 2.07 24.37
N THR A 479 -0.78 1.21 23.57
CA THR A 479 -0.96 -0.18 23.95
C THR A 479 0.36 -0.83 24.34
N VAL A 480 1.45 -0.45 23.66
CA VAL A 480 2.77 -0.99 23.96
C VAL A 480 3.33 -0.43 25.27
N ARG A 481 3.29 0.89 25.43
CA ARG A 481 3.77 1.57 26.64
C ARG A 481 2.96 1.24 27.90
N ALA A 482 1.64 1.15 27.75
CA ALA A 482 0.74 0.85 28.85
C ALA A 482 0.64 -0.64 29.19
N GLY A 483 1.59 -1.43 28.71
CA GLY A 483 1.60 -2.87 28.98
C GLY A 483 0.42 -3.69 28.49
N ILE A 484 -0.34 -3.10 27.57
CA ILE A 484 -1.52 -3.76 27.01
C ILE A 484 -1.13 -4.87 26.04
N ILE A 485 -0.03 -4.70 25.32
CA ILE A 485 0.41 -5.71 24.36
C ILE A 485 1.93 -5.60 24.35
N ARG A 486 2.60 -6.75 24.34
CA ARG A 486 4.05 -6.77 24.29
C ARG A 486 4.42 -6.43 22.84
N PRO A 487 5.49 -5.65 22.64
CA PRO A 487 5.88 -5.30 21.26
C PRO A 487 6.57 -6.46 20.53
N VAL A 488 6.53 -6.43 19.20
CA VAL A 488 7.17 -7.46 18.41
C VAL A 488 8.49 -6.85 18.01
N LEU A 489 9.55 -7.24 18.70
CA LEU A 489 10.89 -6.70 18.48
C LEU A 489 11.73 -7.36 17.41
N ASP A 490 11.45 -8.62 17.11
CA ASP A 490 12.22 -9.40 16.13
C ASP A 490 11.23 -10.41 15.57
N PRO A 491 10.37 -9.98 14.64
CA PRO A 491 9.36 -10.84 14.03
C PRO A 491 9.66 -12.33 13.84
N ALA A 492 10.84 -12.67 13.35
CA ALA A 492 11.19 -14.08 13.13
C ALA A 492 11.26 -14.92 14.40
N ARG A 493 11.47 -14.23 15.52
CA ARG A 493 11.58 -14.90 16.82
C ARG A 493 10.48 -14.59 17.85
N ASP A 494 10.00 -13.36 17.92
CA ASP A 494 8.96 -13.07 18.93
C ASP A 494 7.58 -12.60 18.46
N LEU A 495 7.21 -12.90 17.22
CA LEU A 495 5.90 -12.50 16.73
C LEU A 495 4.82 -13.40 17.31
N TRP A 496 5.12 -14.69 17.38
CA TRP A 496 4.18 -15.67 17.91
C TRP A 496 4.39 -15.96 19.38
N ASP A 497 3.28 -16.02 20.12
CA ASP A 497 3.32 -16.34 21.54
C ASP A 497 3.43 -17.85 21.75
NA NA B . -9.52 4.84 -0.23
FE1 SF4 C . -8.07 -10.32 1.35
FE2 SF4 C . -8.15 -12.12 -0.69
FE3 SF4 C . -6.92 -12.74 1.64
FE4 SF4 C . -5.84 -10.89 0.03
S1 SF4 C . -6.12 -13.09 -0.51
S2 SF4 C . -6.03 -10.78 2.31
S3 SF4 C . -7.74 -9.87 -0.86
S4 SF4 C . -9.16 -12.25 1.34
FE SRM D . -2.85 -9.69 -2.53
CHA SRM D . -3.44 -12.84 -3.35
CHB SRM D . -5.85 -8.72 -3.72
CHC SRM D . -1.92 -6.40 -2.14
CHD SRM D . -0.46 -10.62 -0.31
NA SRM D . -4.38 -10.59 -3.46
C1A SRM D . -4.39 -11.92 -3.80
C2A SRM D . -5.50 -12.14 -4.79
CMA SRM D . -4.95 -11.77 -6.19
CDA SRM D . -6.19 -13.48 -4.65
CEA SRM D . -5.71 -14.65 -5.47
O3A SRM D . -4.54 -15.06 -5.33
O4A SRM D . -6.51 -15.18 -6.26
C3A SRM D . -6.46 -11.15 -4.30
CAA SRM D . -7.39 -10.74 -5.34
CBA SRM D . -8.80 -10.70 -4.80
CCA SRM D . -9.69 -9.77 -5.60
O1A SRM D . -10.73 -10.22 -6.08
O2A SRM D . -9.32 -8.60 -5.78
C4A SRM D . -5.59 -10.05 -3.77
NB SRM D . -3.68 -7.89 -2.99
C1B SRM D . -4.99 -7.70 -3.40
C2B SRM D . -5.32 -6.21 -3.30
CMB SRM D . -6.27 -5.76 -4.46
CDB SRM D . -5.95 -5.83 -1.90
CEB SRM D . -6.66 -4.49 -1.87
O3B SRM D . -7.81 -4.43 -1.41
O4B SRM D . -6.09 -3.48 -2.31
C3B SRM D . -3.86 -5.64 -3.55
CAB SRM D . -3.51 -5.63 -5.00
CBB SRM D . -2.05 -5.32 -5.16
CCB SRM D . -1.69 -4.97 -6.59
O1B SRM D . -2.49 -4.28 -7.24
O2B SRM D . -0.61 -5.37 -7.03
C4B SRM D . -3.07 -6.67 -2.83
NC SRM D . -1.45 -8.67 -1.46
C1C SRM D . -1.16 -7.34 -1.51
C2C SRM D . -0.35 -7.01 -0.27
CDC SRM D . -0.11 -5.63 0.26
CEC SRM D . 0.92 -4.83 -0.51
O3C SRM D . 1.58 -5.40 -1.40
O4C SRM D . 1.07 -3.63 -0.23
C3C SRM D . 0.06 -8.17 0.29
CAC SRM D . 0.71 -8.30 1.64
CBC SRM D . 2.19 -8.05 1.61
CCC SRM D . 2.96 -9.21 1.07
O1C SRM D . 2.96 -9.40 -0.16
O2C SRM D . 3.59 -9.93 1.86
C4C SRM D . -0.63 -9.26 -0.49
ND SRM D . -1.97 -11.43 -2.02
C1D SRM D . -1.02 -11.63 -1.03
C2D SRM D . -0.73 -13.08 -0.90
CAD SRM D . 0.24 -13.68 0.10
CBD SRM D . 1.49 -13.90 -0.72
CCD SRM D . 2.63 -14.49 0.07
O1D SRM D . 3.77 -14.11 -0.22
O2D SRM D . 2.40 -15.30 0.97
C3D SRM D . -1.56 -13.69 -1.84
CDD SRM D . -1.77 -15.11 -2.22
CED SRM D . -0.57 -15.70 -2.94
O3D SRM D . 0.15 -14.95 -3.63
O4D SRM D . -0.35 -16.91 -2.78
C4D SRM D . -2.34 -12.62 -2.54
S SX E . -1.70 -9.22 -4.35
O SX E . -0.05 -9.27 -4.67
#